data_6SKP
#
_entry.id   6SKP
#
_cell.length_a   94.933
_cell.length_b   124.794
_cell.length_c   48.480
_cell.angle_alpha   90.000
_cell.angle_beta   90.000
_cell.angle_gamma   90.000
#
_symmetry.space_group_name_H-M   'P 21 21 21'
#
loop_
_entity.id
_entity.type
_entity.pdbx_description
1 polymer Beta-lactamase
2 non-polymer '(5R)-5-[(1S,2R)-1-formyl-2-hydroxypropyl]-3-[(2-{[(E)-iminomethyl]amino}ethyl)sulfanyl]-4,5-dihydro-1H-pyrrole-2-carbox ylic acid'
3 non-polymer 'SODIUM ION'
4 non-polymer 'TRIETHYLENE GLYCOL'
5 water water
#
_entity_poly.entity_id   1
_entity_poly.type   'polypeptide(L)'
_entity_poly.pdbx_seq_one_letter_code
;MKTFAAYVIIACLSSTALAGSITENTSWNKEFSAEAVNGVFVLCKSSSKSCATNDLARASKEYLPASTF(KCX)IPNAII
GLETGVIKNEHQVFKWDGKPRAMKQWERDLTLRGAIQVSAVPVFQQIAREVGEVRMQKYLKKFSYGNQNISGGIDKFWLE
GQLRISAVNQVEFLESLYLNKLSASKENQLIVKEALVTEAAPEYLVHSKTGFSGVGTESNPGVAWWVGWVEKETEVYFFA
FNMDIDNESKLPLRKSIPTKIMESEGIIGG
;
_entity_poly.pdbx_strand_id   A,B
#
# COMPACT_ATOMS: atom_id res chain seq x y z
N SER A 21 -13.56 9.31 -24.28
CA SER A 21 -14.32 8.34 -25.09
C SER A 21 -14.60 7.03 -24.34
N ILE A 22 -15.80 6.49 -24.55
CA ILE A 22 -16.17 5.26 -23.87
C ILE A 22 -16.84 4.30 -24.88
N THR A 23 -16.39 3.05 -24.88
CA THR A 23 -16.79 2.07 -25.89
C THR A 23 -17.42 0.86 -25.22
N GLU A 24 -18.50 0.38 -25.81
CA GLU A 24 -19.28 -0.69 -25.21
C GLU A 24 -18.61 -2.03 -25.52
N ASN A 25 -18.49 -2.89 -24.50
CA ASN A 25 -18.06 -4.27 -24.68
C ASN A 25 -19.22 -5.19 -24.29
N THR A 26 -19.83 -5.80 -25.28
CA THR A 26 -20.98 -6.67 -25.07
C THR A 26 -20.62 -7.90 -24.25
N SER A 27 -19.43 -8.43 -24.50
CA SER A 27 -18.94 -9.63 -23.83
C SER A 27 -19.11 -9.61 -22.33
N TRP A 28 -19.07 -8.44 -21.71
CA TRP A 28 -19.08 -8.31 -20.27
C TRP A 28 -20.47 -8.48 -19.70
N ASN A 29 -21.49 -8.40 -20.56
CA ASN A 29 -22.86 -8.52 -20.09
C ASN A 29 -23.15 -9.87 -19.44
N LYS A 30 -22.44 -10.92 -19.88
CA LYS A 30 -22.70 -12.27 -19.38
C LYS A 30 -22.68 -12.34 -17.86
N GLU A 31 -21.70 -11.70 -17.21
CA GLU A 31 -21.56 -11.83 -15.77
C GLU A 31 -22.68 -11.13 -15.03
N PHE A 32 -23.27 -10.10 -15.63
CA PHE A 32 -24.38 -9.39 -14.98
C PHE A 32 -25.67 -10.21 -15.07
N SER A 33 -26.01 -10.66 -16.28
CA SER A 33 -27.27 -11.38 -16.49
C SER A 33 -27.27 -12.69 -15.71
N ALA A 34 -26.14 -13.39 -15.69
CA ALA A 34 -26.08 -14.64 -14.93
C ALA A 34 -26.55 -14.43 -13.50
N GLU A 35 -26.21 -13.29 -12.91
CA GLU A 35 -26.53 -12.93 -11.54
C GLU A 35 -27.78 -12.07 -11.43
N ALA A 36 -28.47 -11.83 -12.53
CA ALA A 36 -29.62 -10.93 -12.56
C ALA A 36 -29.30 -9.57 -11.92
N VAL A 37 -28.18 -8.97 -12.36
CA VAL A 37 -27.71 -7.69 -11.82
C VAL A 37 -27.88 -6.61 -12.87
N ASN A 38 -28.47 -5.51 -12.48
CA ASN A 38 -28.40 -4.26 -13.23
C ASN A 38 -27.26 -3.40 -12.73
N GLY A 39 -26.22 -3.26 -13.52
CA GLY A 39 -25.04 -2.53 -13.09
C GLY A 39 -24.17 -2.12 -14.26
N VAL A 40 -23.00 -1.60 -13.93
CA VAL A 40 -22.02 -1.19 -14.95
C VAL A 40 -20.61 -1.45 -14.45
N PHE A 41 -19.75 -1.87 -15.37
CA PHE A 41 -18.32 -1.91 -15.12
C PHE A 41 -17.65 -1.01 -16.15
N VAL A 42 -16.74 -0.16 -15.67
CA VAL A 42 -15.95 0.74 -16.51
C VAL A 42 -14.48 0.41 -16.25
N LEU A 43 -13.72 0.21 -17.32
CA LEU A 43 -12.34 -0.25 -17.22
C LEU A 43 -11.53 0.52 -18.25
N CYS A 44 -10.47 1.17 -17.81
CA CYS A 44 -9.68 2.00 -18.70
C CYS A 44 -8.23 1.64 -18.53
N LYS A 45 -7.62 1.18 -19.61
CA LYS A 45 -6.21 0.85 -19.61
C LYS A 45 -5.40 2.11 -19.87
N SER A 46 -4.39 2.36 -19.00
CA SER A 46 -3.42 3.43 -19.17
C SER A 46 -3.94 4.83 -18.80
N SER A 47 -5.14 5.16 -19.28
CA SER A 47 -5.70 6.48 -19.11
C SER A 47 -7.22 6.38 -19.14
N SER A 48 -7.85 7.47 -18.70
CA SER A 48 -9.28 7.76 -18.83
C SER A 48 -9.71 8.22 -20.21
N LYS A 49 -8.78 8.34 -21.16
CA LYS A 49 -9.20 8.89 -22.43
C LYS A 49 -9.92 7.86 -23.29
N SER A 50 -9.74 6.57 -23.00
CA SER A 50 -10.54 5.54 -23.64
C SER A 50 -10.90 4.48 -22.62
N CYS A 51 -12.18 4.28 -22.39
CA CYS A 51 -12.64 3.35 -21.38
C CYS A 51 -13.60 2.38 -22.06
N ALA A 52 -13.69 1.19 -21.51
CA ALA A 52 -14.62 0.18 -21.99
C ALA A 52 -15.64 -0.07 -20.90
N THR A 53 -16.84 -0.46 -21.30
CA THR A 53 -17.94 -0.69 -20.38
C THR A 53 -18.89 -1.69 -20.99
N ASN A 54 -19.68 -2.36 -20.14
CA ASN A 54 -20.79 -3.15 -20.64
C ASN A 54 -22.00 -2.29 -20.99
N ASP A 55 -22.10 -1.05 -20.51
CA ASP A 55 -23.32 -0.24 -20.70
C ASP A 55 -22.93 1.23 -20.80
N LEU A 56 -22.91 1.74 -22.05
CA LEU A 56 -22.54 3.14 -22.31
C LEU A 56 -23.36 4.09 -21.46
N ALA A 57 -24.69 3.91 -21.45
CA ALA A 57 -25.58 4.82 -20.75
C ALA A 57 -25.28 4.83 -19.26
N ARG A 58 -25.10 3.66 -18.68
CA ARG A 58 -24.97 3.63 -17.24
C ARG A 58 -23.59 4.05 -16.78
N ALA A 59 -22.57 3.87 -17.64
CA ALA A 59 -21.22 4.32 -17.32
C ALA A 59 -21.19 5.78 -16.88
N SER A 60 -22.01 6.62 -17.50
CA SER A 60 -22.00 8.04 -17.15
C SER A 60 -23.18 8.44 -16.26
N LYS A 61 -24.02 7.49 -15.85
CA LYS A 61 -25.11 7.77 -14.92
C LYS A 61 -24.56 7.98 -13.53
N GLU A 62 -25.07 9.01 -12.85
CA GLU A 62 -24.51 9.48 -11.58
C GLU A 62 -25.32 8.92 -10.43
N TYR A 63 -24.63 8.34 -9.47
CA TYR A 63 -25.24 7.73 -8.29
C TYR A 63 -24.65 8.32 -7.02
N LEU A 64 -25.38 8.15 -5.94
CA LEU A 64 -24.83 8.48 -4.62
C LEU A 64 -23.46 7.83 -4.46
N PRO A 65 -22.46 8.54 -3.97
CA PRO A 65 -21.15 7.86 -3.81
C PRO A 65 -21.05 6.94 -2.61
N ALA A 66 -21.87 7.14 -1.58
CA ALA A 66 -21.82 6.37 -0.34
C ALA A 66 -20.38 6.38 0.11
N SER A 67 -19.92 5.23 0.64
CA SER A 67 -18.60 5.21 1.26
C SER A 67 -17.45 5.57 0.31
N THR A 68 -17.66 5.54 -1.02
CA THR A 68 -16.56 5.93 -1.90
C THR A 68 -16.19 7.39 -1.69
N PHE A 69 -17.08 8.17 -1.11
CA PHE A 69 -16.79 9.59 -0.87
C PHE A 69 -15.65 9.76 0.16
N ILE A 71 -12.79 8.78 -0.13
CA ILE A 71 -11.56 9.14 -0.82
C ILE A 71 -11.36 10.68 -0.94
N PRO A 72 -12.29 11.39 -1.57
CA PRO A 72 -12.11 12.86 -1.61
C PRO A 72 -12.19 13.46 -0.22
N ASN A 73 -13.02 12.89 0.65
CA ASN A 73 -13.17 13.43 2.00
C ASN A 73 -11.85 13.31 2.75
N ALA A 74 -11.13 12.20 2.56
CA ALA A 74 -9.83 12.03 3.20
C ALA A 74 -8.83 13.06 2.68
N ILE A 75 -8.80 13.27 1.37
CA ILE A 75 -7.89 14.24 0.77
C ILE A 75 -8.18 15.64 1.29
N ILE A 76 -9.47 15.98 1.35
CA ILE A 76 -9.84 17.32 1.78
C ILE A 76 -9.56 17.49 3.26
N GLY A 77 -9.82 16.45 4.05
CA GLY A 77 -9.43 16.51 5.44
C GLY A 77 -7.97 16.83 5.61
N LEU A 78 -7.11 16.16 4.84
CA LEU A 78 -5.67 16.41 4.96
C LEU A 78 -5.30 17.80 4.47
N GLU A 79 -5.89 18.23 3.35
CA GLU A 79 -5.49 19.50 2.78
C GLU A 79 -5.81 20.65 3.71
N THR A 80 -6.94 20.58 4.38
CA THR A 80 -7.40 21.62 5.27
C THR A 80 -6.75 21.54 6.64
N GLY A 81 -6.01 20.48 6.93
CA GLY A 81 -5.44 20.27 8.25
C GLY A 81 -6.41 19.70 9.28
N VAL A 82 -7.63 19.35 8.87
CA VAL A 82 -8.57 18.69 9.78
C VAL A 82 -8.03 17.33 10.22
N ILE A 83 -7.50 16.57 9.28
N ILE A 83 -7.47 16.57 9.28
CA ILE A 83 -6.64 15.44 9.54
CA ILE A 83 -6.65 15.42 9.61
C ILE A 83 -5.21 15.96 9.61
C ILE A 83 -5.20 15.90 9.62
N LYS A 84 -4.59 15.86 10.79
CA LYS A 84 -3.29 16.49 10.98
C LYS A 84 -2.20 15.87 10.10
N ASN A 85 -2.19 14.55 9.97
CA ASN A 85 -1.18 13.91 9.13
C ASN A 85 -1.51 12.43 8.99
N GLU A 86 -0.62 11.73 8.29
CA GLU A 86 -0.79 10.32 7.94
C GLU A 86 -0.95 9.44 9.16
N HIS A 87 -0.39 9.83 10.29
CA HIS A 87 -0.38 8.98 11.48
C HIS A 87 -1.47 9.35 12.48
N GLN A 88 -2.38 10.23 12.10
CA GLN A 88 -3.49 10.63 12.96
C GLN A 88 -4.26 9.39 13.41
N VAL A 89 -4.54 9.32 14.70
CA VAL A 89 -5.44 8.30 15.22
C VAL A 89 -6.78 8.95 15.52
N PHE A 90 -7.84 8.38 14.98
CA PHE A 90 -9.19 8.85 15.29
C PHE A 90 -9.70 8.03 16.46
N LYS A 91 -9.78 8.69 17.62
CA LYS A 91 -10.07 8.03 18.87
C LYS A 91 -11.57 7.81 18.98
N TRP A 92 -11.93 6.68 19.55
CA TRP A 92 -13.32 6.35 19.77
C TRP A 92 -13.73 6.92 21.13
N ASP A 93 -14.79 7.71 21.17
CA ASP A 93 -15.27 8.25 22.45
C ASP A 93 -16.03 7.24 23.26
N GLY A 94 -16.11 6.00 22.81
CA GLY A 94 -16.79 5.02 23.60
C GLY A 94 -18.30 5.01 23.43
N LYS A 95 -18.88 5.94 22.64
CA LYS A 95 -20.33 5.97 22.49
C LYS A 95 -20.78 5.14 21.28
N PRO A 96 -22.00 4.59 21.36
CA PRO A 96 -22.42 3.60 20.35
C PRO A 96 -22.23 4.13 18.95
N ARG A 97 -21.68 3.29 18.08
CA ARG A 97 -21.60 3.61 16.66
C ARG A 97 -22.37 2.54 15.92
N ALA A 98 -22.71 2.83 14.66
CA ALA A 98 -23.71 2.06 13.95
C ALA A 98 -23.25 0.68 13.52
N MET A 99 -21.94 0.40 13.59
CA MET A 99 -21.37 -0.90 13.28
C MET A 99 -20.33 -1.16 14.34
N LYS A 100 -20.31 -2.39 14.87
CA LYS A 100 -19.37 -2.71 15.95
C LYS A 100 -17.92 -2.57 15.50
N GLN A 101 -17.64 -2.93 14.24
CA GLN A 101 -16.32 -2.69 13.66
C GLN A 101 -15.85 -1.24 13.77
N TRP A 102 -16.76 -0.29 13.93
CA TRP A 102 -16.35 1.10 14.06
C TRP A 102 -16.02 1.51 15.51
N GLU A 103 -16.28 0.63 16.48
CA GLU A 103 -16.17 1.02 17.89
C GLU A 103 -14.75 0.69 18.38
N ARG A 104 -13.81 1.42 17.80
CA ARG A 104 -12.39 1.25 18.14
C ARG A 104 -11.67 2.48 17.62
N ASP A 105 -10.50 2.74 18.20
CA ASP A 105 -9.60 3.73 17.63
C ASP A 105 -9.18 3.27 16.25
N LEU A 106 -8.99 4.23 15.34
CA LEU A 106 -8.70 3.93 13.95
C LEU A 106 -7.66 4.88 13.35
N THR A 107 -6.78 4.31 12.55
CA THR A 107 -5.88 5.09 11.74
C THR A 107 -6.65 5.54 10.51
N LEU A 108 -6.00 6.34 9.65
CA LEU A 108 -6.67 6.75 8.42
C LEU A 108 -6.99 5.56 7.54
N ARG A 109 -6.00 4.70 7.26
CA ARG A 109 -6.29 3.52 6.45
C ARG A 109 -7.38 2.67 7.11
N GLY A 110 -7.29 2.48 8.42
CA GLY A 110 -8.29 1.67 9.08
C GLY A 110 -9.69 2.25 8.89
N ALA A 111 -9.84 3.57 9.07
CA ALA A 111 -11.15 4.20 8.97
C ALA A 111 -11.69 4.10 7.55
N ILE A 112 -10.81 4.13 6.56
CA ILE A 112 -11.23 3.92 5.19
C ILE A 112 -11.63 2.46 4.98
N GLN A 113 -10.81 1.51 5.44
CA GLN A 113 -11.02 0.11 5.11
C GLN A 113 -12.23 -0.46 5.80
N VAL A 114 -12.58 0.01 7.01
CA VAL A 114 -13.82 -0.45 7.62
C VAL A 114 -14.97 0.51 7.32
N SER A 115 -14.72 1.54 6.52
N SER A 115 -14.71 1.55 6.54
CA SER A 115 -15.73 2.55 6.17
CA SER A 115 -15.71 2.55 6.19
C SER A 115 -16.41 3.14 7.40
C SER A 115 -16.41 3.10 7.43
N ALA A 116 -15.59 3.63 8.33
CA ALA A 116 -16.09 4.21 9.58
C ALA A 116 -16.74 5.58 9.34
N VAL A 117 -18.02 5.52 9.02
CA VAL A 117 -18.80 6.71 8.69
C VAL A 117 -18.62 7.84 9.73
N PRO A 118 -18.79 7.57 11.00
CA PRO A 118 -18.82 8.70 11.94
C PRO A 118 -17.48 9.40 12.04
N VAL A 119 -16.37 8.70 11.82
CA VAL A 119 -15.08 9.37 11.68
C VAL A 119 -15.14 10.41 10.55
N PHE A 120 -15.61 10.01 9.39
CA PHE A 120 -15.68 10.90 8.23
C PHE A 120 -16.79 11.93 8.33
N GLN A 121 -17.82 11.68 9.12
CA GLN A 121 -18.83 12.70 9.34
C GLN A 121 -18.25 13.85 10.13
N GLN A 122 -17.46 13.56 11.17
CA GLN A 122 -16.83 14.63 11.92
C GLN A 122 -15.84 15.35 11.03
N ILE A 123 -15.10 14.63 10.21
CA ILE A 123 -14.19 15.28 9.30
C ILE A 123 -14.96 16.29 8.45
N ALA A 124 -16.07 15.85 7.89
CA ALA A 124 -16.87 16.71 7.02
C ALA A 124 -17.33 17.94 7.76
N ARG A 125 -17.82 17.78 9.00
CA ARG A 125 -18.31 18.90 9.77
C ARG A 125 -17.20 19.94 9.97
N GLU A 126 -15.97 19.49 10.26
CA GLU A 126 -14.86 20.39 10.51
C GLU A 126 -14.36 21.05 9.24
N VAL A 127 -14.33 20.32 8.13
CA VAL A 127 -14.08 20.92 6.83
C VAL A 127 -15.11 22.03 6.57
N GLY A 128 -16.38 21.67 6.72
CA GLY A 128 -17.46 22.62 6.59
C GLY A 128 -17.90 22.86 5.15
N GLU A 129 -19.09 23.43 5.01
CA GLU A 129 -19.75 23.51 3.69
C GLU A 129 -18.92 24.28 2.66
N VAL A 130 -18.40 25.45 3.06
CA VAL A 130 -17.72 26.33 2.10
C VAL A 130 -16.50 25.64 1.54
N ARG A 131 -15.68 25.04 2.40
CA ARG A 131 -14.50 24.37 1.91
C ARG A 131 -14.85 23.10 1.15
N MET A 132 -15.83 22.33 1.64
CA MET A 132 -16.22 21.13 0.95
C MET A 132 -16.62 21.47 -0.48
N GLN A 133 -17.39 22.54 -0.65
CA GLN A 133 -17.89 22.91 -1.98
C GLN A 133 -16.73 23.26 -2.88
N LYS A 134 -15.77 24.05 -2.34
CA LYS A 134 -14.61 24.47 -3.11
C LYS A 134 -13.83 23.27 -3.64
N TYR A 135 -13.52 22.31 -2.76
CA TYR A 135 -12.72 21.17 -3.19
C TYR A 135 -13.48 20.28 -4.19
N LEU A 136 -14.77 20.08 -3.99
CA LEU A 136 -15.48 19.23 -4.95
C LEU A 136 -15.49 19.87 -6.33
N LYS A 137 -15.51 21.21 -6.38
CA LYS A 137 -15.40 21.92 -7.65
C LYS A 137 -14.01 21.72 -8.24
N LYS A 138 -12.97 21.89 -7.41
CA LYS A 138 -11.60 21.68 -7.88
C LYS A 138 -11.40 20.27 -8.42
N PHE A 139 -12.03 19.28 -7.77
CA PHE A 139 -11.88 17.87 -8.07
C PHE A 139 -12.80 17.40 -9.20
N SER A 140 -13.68 18.25 -9.70
CA SER A 140 -14.70 17.86 -10.67
C SER A 140 -15.44 16.59 -10.21
N TYR A 141 -15.86 16.59 -8.93
CA TYR A 141 -16.46 15.43 -8.30
C TYR A 141 -17.95 15.38 -8.58
N GLY A 142 -18.31 14.72 -9.68
CA GLY A 142 -19.72 14.44 -9.93
C GLY A 142 -20.50 15.72 -10.14
N ASN A 143 -21.71 15.75 -9.60
CA ASN A 143 -22.57 16.92 -9.77
C ASN A 143 -22.26 18.00 -8.72
N GLN A 144 -21.29 17.74 -7.87
CA GLN A 144 -20.75 18.73 -6.94
C GLN A 144 -21.82 19.33 -6.04
N ASN A 145 -22.90 18.58 -5.82
CA ASN A 145 -24.03 19.01 -5.00
C ASN A 145 -23.87 18.49 -3.56
N ILE A 146 -23.61 19.39 -2.60
CA ILE A 146 -23.41 18.93 -1.21
C ILE A 146 -24.59 19.28 -0.32
N SER A 147 -25.72 19.66 -0.88
CA SER A 147 -26.86 19.96 -0.04
C SER A 147 -27.39 18.68 0.64
N GLY A 148 -28.10 18.86 1.73
CA GLY A 148 -28.68 17.73 2.43
C GLY A 148 -28.05 17.48 3.80
N GLY A 149 -27.21 18.39 4.29
CA GLY A 149 -26.58 18.22 5.59
C GLY A 149 -25.11 17.94 5.45
N ILE A 150 -24.24 18.72 6.11
CA ILE A 150 -22.80 18.62 5.90
C ILE A 150 -22.26 17.24 6.25
N ASP A 151 -22.96 16.50 7.10
CA ASP A 151 -22.47 15.22 7.57
C ASP A 151 -23.25 14.06 6.94
N LYS A 152 -24.00 14.30 5.86
CA LYS A 152 -24.72 13.21 5.26
C LYS A 152 -25.02 13.40 3.78
N PHE A 153 -24.43 14.38 3.08
CA PHE A 153 -24.86 14.66 1.71
C PHE A 153 -24.45 13.52 0.76
N TRP A 154 -23.36 12.81 1.08
CA TRP A 154 -22.91 11.69 0.23
C TRP A 154 -23.58 10.37 0.58
N LEU A 155 -24.36 10.35 1.64
CA LEU A 155 -25.03 9.18 2.16
C LEU A 155 -26.52 9.17 1.84
N GLU A 156 -27.16 10.30 1.95
CA GLU A 156 -28.59 10.41 1.62
C GLU A 156 -28.98 11.72 0.95
N GLY A 157 -28.01 12.59 0.66
CA GLY A 157 -28.25 13.90 0.09
C GLY A 157 -28.31 13.84 -1.42
N GLN A 158 -27.94 14.94 -2.05
N GLN A 158 -27.91 14.92 -2.05
CA GLN A 158 -28.11 15.13 -3.48
CA GLN A 158 -28.09 15.10 -3.49
C GLN A 158 -26.81 14.91 -4.27
C GLN A 158 -26.83 14.78 -4.29
N LEU A 159 -25.72 14.51 -3.62
CA LEU A 159 -24.49 14.26 -4.36
C LEU A 159 -24.59 13.02 -5.22
N ARG A 160 -24.11 13.16 -6.45
CA ARG A 160 -24.09 12.06 -7.39
C ARG A 160 -22.79 12.09 -8.19
N ILE A 161 -22.30 10.90 -8.52
CA ILE A 161 -21.12 10.77 -9.35
C ILE A 161 -21.25 9.51 -10.18
N SER A 162 -20.71 9.54 -11.40
CA SER A 162 -20.77 8.37 -12.27
C SER A 162 -19.51 7.50 -12.16
N ALA A 163 -19.64 6.26 -12.65
CA ALA A 163 -18.49 5.36 -12.80
C ALA A 163 -17.38 6.01 -13.61
N VAL A 164 -17.72 6.64 -14.76
CA VAL A 164 -16.68 7.29 -15.55
C VAL A 164 -15.98 8.39 -14.74
N ASN A 165 -16.75 9.18 -14.01
CA ASN A 165 -16.19 10.26 -13.21
C ASN A 165 -15.29 9.72 -12.09
N GLN A 166 -15.67 8.60 -11.48
CA GLN A 166 -14.80 8.02 -10.45
C GLN A 166 -13.44 7.67 -11.06
N VAL A 167 -13.47 7.03 -12.23
CA VAL A 167 -12.24 6.72 -12.94
C VAL A 167 -11.41 7.96 -13.21
N GLU A 168 -12.03 9.04 -13.69
CA GLU A 168 -11.29 10.29 -13.95
C GLU A 168 -10.67 10.81 -12.67
N PHE A 169 -11.44 10.77 -11.58
CA PHE A 169 -10.96 11.26 -10.28
C PHE A 169 -9.78 10.45 -9.79
N LEU A 170 -9.90 9.12 -9.89
CA LEU A 170 -8.86 8.23 -9.39
C LEU A 170 -7.60 8.31 -10.24
N GLU A 171 -7.77 8.45 -11.54
CA GLU A 171 -6.63 8.72 -12.40
C GLU A 171 -5.87 9.98 -11.98
N SER A 172 -6.59 11.06 -11.68
CA SER A 172 -5.93 12.28 -11.24
C SER A 172 -5.16 12.02 -9.95
N LEU A 173 -5.80 11.34 -8.98
CA LEU A 173 -5.13 10.95 -7.74
C LEU A 173 -3.86 10.15 -8.03
N TYR A 174 -3.99 9.09 -8.84
CA TYR A 174 -2.86 8.25 -9.19
C TYR A 174 -1.71 9.07 -9.74
N LEU A 175 -2.03 10.12 -10.49
CA LEU A 175 -1.03 10.94 -11.13
C LEU A 175 -0.58 12.11 -10.27
N ASN A 176 -1.14 12.27 -9.08
CA ASN A 176 -0.88 13.37 -8.18
C ASN A 176 -1.32 14.68 -8.80
N LYS A 177 -2.40 14.64 -9.60
CA LYS A 177 -2.84 15.80 -10.33
C LYS A 177 -4.07 16.48 -9.74
N LEU A 178 -4.63 15.95 -8.65
CA LEU A 178 -5.65 16.70 -7.93
C LEU A 178 -5.05 17.98 -7.32
N SER A 179 -5.93 18.93 -6.99
CA SER A 179 -5.51 20.18 -6.35
C SER A 179 -5.32 19.87 -4.88
N ALA A 180 -4.14 19.36 -4.56
CA ALA A 180 -3.79 18.84 -3.24
C ALA A 180 -2.29 18.56 -3.28
N SER A 181 -1.63 18.68 -2.13
CA SER A 181 -0.20 18.41 -2.15
C SER A 181 0.05 16.98 -2.65
N LYS A 182 1.25 16.75 -3.19
CA LYS A 182 1.60 15.38 -3.54
C LYS A 182 1.63 14.49 -2.31
N GLU A 183 2.15 14.99 -1.19
CA GLU A 183 2.20 14.23 0.05
C GLU A 183 0.82 13.70 0.43
N ASN A 184 -0.18 14.59 0.43
CA ASN A 184 -1.49 14.15 0.85
C ASN A 184 -2.10 13.14 -0.11
N GLN A 185 -1.85 13.26 -1.40
CA GLN A 185 -2.36 12.28 -2.33
C GLN A 185 -1.65 10.96 -2.13
N LEU A 186 -0.34 11.00 -1.86
CA LEU A 186 0.38 9.77 -1.57
C LEU A 186 -0.18 9.09 -0.33
N ILE A 187 -0.47 9.86 0.73
CA ILE A 187 -1.02 9.29 1.96
C ILE A 187 -2.31 8.55 1.68
N VAL A 188 -3.21 9.17 0.93
CA VAL A 188 -4.51 8.55 0.69
C VAL A 188 -4.34 7.35 -0.20
N LYS A 189 -3.46 7.43 -1.20
CA LYS A 189 -3.22 6.27 -2.05
C LYS A 189 -2.73 5.07 -1.24
N GLU A 190 -1.84 5.27 -0.27
CA GLU A 190 -1.42 4.12 0.53
C GLU A 190 -2.57 3.57 1.35
N ALA A 191 -3.43 4.45 1.85
CA ALA A 191 -4.58 4.02 2.62
C ALA A 191 -5.58 3.22 1.77
N LEU A 192 -5.49 3.30 0.45
CA LEU A 192 -6.41 2.61 -0.43
C LEU A 192 -5.87 1.29 -0.96
N VAL A 193 -4.65 0.88 -0.61
CA VAL A 193 -4.19 -0.43 -1.05
C VAL A 193 -5.04 -1.54 -0.41
N THR A 194 -5.56 -2.43 -1.24
CA THR A 194 -6.40 -3.52 -0.76
C THR A 194 -5.89 -4.90 -1.19
N GLU A 195 -5.04 -4.97 -2.20
CA GLU A 195 -4.43 -6.23 -2.55
C GLU A 195 -3.02 -5.94 -3.03
N ALA A 196 -2.08 -6.67 -2.48
CA ALA A 196 -0.69 -6.61 -2.89
C ALA A 196 -0.27 -8.00 -3.32
N ALA A 197 0.32 -8.07 -4.49
CA ALA A 197 0.88 -9.30 -5.03
C ALA A 197 2.19 -8.92 -5.69
N PRO A 198 3.07 -9.89 -5.96
CA PRO A 198 4.35 -9.56 -6.59
C PRO A 198 4.20 -8.79 -7.90
N GLU A 199 3.23 -9.20 -8.74
CA GLU A 199 3.05 -8.58 -10.06
C GLU A 199 2.14 -7.36 -10.03
N TYR A 200 1.35 -7.18 -8.97
CA TYR A 200 0.42 -6.06 -9.04
C TYR A 200 -0.01 -5.59 -7.66
N LEU A 201 -0.43 -4.32 -7.63
CA LEU A 201 -1.05 -3.70 -6.48
C LEU A 201 -2.46 -3.27 -6.89
N VAL A 202 -3.41 -3.44 -5.99
CA VAL A 202 -4.76 -2.91 -6.19
C VAL A 202 -5.00 -1.87 -5.13
N HIS A 203 -5.42 -0.69 -5.55
CA HIS A 203 -5.96 0.40 -4.73
C HIS A 203 -7.44 0.43 -5.01
N SER A 204 -8.28 0.37 -3.96
CA SER A 204 -9.72 0.33 -4.24
C SER A 204 -10.53 0.79 -3.04
N LYS A 205 -11.81 1.05 -3.30
CA LYS A 205 -12.75 1.45 -2.24
C LYS A 205 -14.13 0.92 -2.57
N THR A 206 -14.78 0.30 -1.58
CA THR A 206 -16.13 -0.24 -1.72
C THR A 206 -17.14 0.77 -1.16
N GLY A 207 -18.40 0.61 -1.57
CA GLY A 207 -19.46 1.40 -0.98
C GLY A 207 -20.77 0.68 -1.16
N PHE A 208 -21.76 1.04 -0.31
CA PHE A 208 -23.08 0.41 -0.27
C PHE A 208 -23.98 1.47 0.35
N SER A 209 -24.94 1.99 -0.43
CA SER A 209 -25.75 3.07 0.12
C SER A 209 -26.85 2.56 1.04
N GLY A 210 -27.16 1.27 0.98
CA GLY A 210 -28.32 0.69 1.63
C GLY A 210 -29.17 -0.03 0.60
N VAL A 211 -30.32 -0.50 1.03
CA VAL A 211 -31.16 -1.31 0.13
C VAL A 211 -32.28 -0.47 -0.49
N GLY A 212 -32.25 0.82 -0.26
N GLY A 212 -32.49 0.73 0.01
CA GLY A 212 -33.15 1.66 -1.02
CA GLY A 212 -33.64 1.55 -0.30
C GLY A 212 -34.55 1.48 -0.48
C GLY A 212 -34.90 0.83 -0.73
N THR A 213 -35.53 1.77 -1.34
N THR A 213 -35.60 1.46 -1.67
CA THR A 213 -36.95 1.70 -1.03
CA THR A 213 -36.44 0.83 -2.69
C THR A 213 -37.68 1.14 -2.26
C THR A 213 -37.93 0.81 -2.37
N GLU A 214 -38.98 0.90 -2.15
N GLU A 214 -38.58 -0.31 -2.65
CA GLU A 214 -39.69 0.22 -3.23
CA GLU A 214 -39.87 -0.25 -3.33
C GLU A 214 -39.39 0.88 -4.57
C GLU A 214 -39.64 0.65 -4.56
N SER A 215 -39.02 0.05 -5.57
CA SER A 215 -38.72 0.56 -6.90
C SER A 215 -37.62 1.61 -6.93
N ASN A 216 -36.85 1.78 -5.85
CA ASN A 216 -35.73 2.72 -5.86
C ASN A 216 -34.58 2.05 -5.13
N PRO A 217 -33.88 1.14 -5.81
CA PRO A 217 -32.76 0.43 -5.19
C PRO A 217 -31.66 1.34 -4.65
N GLY A 218 -30.92 0.81 -3.69
CA GLY A 218 -29.69 1.42 -3.29
C GLY A 218 -28.65 1.14 -4.35
N VAL A 219 -27.41 1.50 -4.04
CA VAL A 219 -26.33 1.35 -5.01
C VAL A 219 -25.15 0.76 -4.25
N ALA A 220 -24.42 -0.15 -4.90
CA ALA A 220 -23.19 -0.68 -4.34
C ALA A 220 -22.07 -0.40 -5.32
N TRP A 221 -20.90 -0.10 -4.76
CA TRP A 221 -19.79 0.36 -5.55
C TRP A 221 -18.55 -0.47 -5.26
N TRP A 222 -17.71 -0.59 -6.28
CA TRP A 222 -16.29 -0.88 -6.11
C TRP A 222 -15.50 -0.09 -7.13
N VAL A 223 -14.60 0.80 -6.66
CA VAL A 223 -13.80 1.62 -7.57
C VAL A 223 -12.33 1.51 -7.18
N GLY A 224 -11.45 1.66 -8.18
CA GLY A 224 -10.03 1.70 -7.86
C GLY A 224 -9.16 1.62 -9.09
N TRP A 225 -7.94 1.12 -8.90
CA TRP A 225 -7.09 0.87 -10.04
C TRP A 225 -6.09 -0.21 -9.69
N VAL A 226 -5.55 -0.80 -10.76
CA VAL A 226 -4.60 -1.89 -10.67
C VAL A 226 -3.34 -1.43 -11.37
N GLU A 227 -2.24 -1.41 -10.62
CA GLU A 227 -0.89 -1.23 -11.15
C GLU A 227 -0.33 -2.62 -11.41
N LYS A 228 -0.13 -2.94 -12.68
CA LYS A 228 0.39 -4.27 -13.03
C LYS A 228 1.54 -4.13 -14.00
N GLU A 229 2.69 -4.77 -13.68
CA GLU A 229 3.91 -4.59 -14.45
C GLU A 229 4.02 -3.11 -14.65
N THR A 230 4.22 -2.63 -15.88
CA THR A 230 4.29 -1.19 -16.09
C THR A 230 2.96 -0.61 -16.56
N GLU A 231 1.86 -1.31 -16.38
CA GLU A 231 0.55 -0.86 -16.84
C GLU A 231 -0.36 -0.52 -15.65
N VAL A 232 -1.34 0.36 -15.91
CA VAL A 232 -2.32 0.80 -14.93
C VAL A 232 -3.70 0.68 -15.54
N TYR A 233 -4.65 0.08 -14.80
CA TYR A 233 -6.04 -0.07 -15.20
C TYR A 233 -6.89 0.66 -14.17
N PHE A 234 -7.73 1.61 -14.61
CA PHE A 234 -8.68 2.26 -13.72
C PHE A 234 -10.03 1.57 -13.87
N PHE A 235 -10.72 1.35 -12.75
CA PHE A 235 -11.99 0.66 -12.81
C PHE A 235 -13.00 1.30 -11.87
N ALA A 236 -14.27 1.19 -12.26
CA ALA A 236 -15.37 1.70 -11.46
C ALA A 236 -16.56 0.80 -11.75
N PHE A 237 -17.12 0.21 -10.70
CA PHE A 237 -18.26 -0.71 -10.78
C PHE A 237 -19.37 -0.18 -9.87
N ASN A 238 -20.61 -0.12 -10.39
CA ASN A 238 -21.78 0.01 -9.52
C ASN A 238 -22.91 -0.91 -9.98
N MET A 239 -23.78 -1.23 -9.03
CA MET A 239 -24.99 -1.98 -9.29
C MET A 239 -26.13 -1.45 -8.44
N ASP A 240 -27.34 -1.70 -8.92
CA ASP A 240 -28.53 -1.58 -8.07
C ASP A 240 -28.55 -2.72 -7.06
N ILE A 241 -28.97 -2.42 -5.84
CA ILE A 241 -29.05 -3.46 -4.82
C ILE A 241 -30.23 -3.12 -3.92
N ASP A 242 -31.13 -4.10 -3.71
CA ASP A 242 -32.20 -3.98 -2.74
C ASP A 242 -32.16 -5.07 -1.69
N ASN A 243 -31.13 -5.92 -1.70
CA ASN A 243 -30.99 -6.97 -0.71
C ASN A 243 -29.53 -7.18 -0.39
N GLU A 244 -29.16 -7.01 0.88
CA GLU A 244 -27.74 -7.02 1.25
C GLU A 244 -27.09 -8.36 0.92
N SER A 245 -27.85 -9.42 0.75
CA SER A 245 -27.24 -10.71 0.42
C SER A 245 -26.56 -10.70 -0.94
N LYS A 246 -26.94 -9.77 -1.82
CA LYS A 246 -26.32 -9.61 -3.13
C LYS A 246 -25.00 -8.87 -3.05
N LEU A 247 -24.60 -8.38 -1.87
CA LEU A 247 -23.46 -7.48 -1.81
C LEU A 247 -22.16 -8.09 -2.34
N PRO A 248 -21.84 -9.37 -2.10
CA PRO A 248 -20.58 -9.92 -2.66
C PRO A 248 -20.44 -9.75 -4.19
N LEU A 249 -21.57 -9.58 -4.90
CA LEU A 249 -21.51 -9.42 -6.35
C LEU A 249 -20.77 -8.16 -6.75
N ARG A 250 -20.78 -7.14 -5.88
CA ARG A 250 -20.07 -5.92 -6.19
C ARG A 250 -18.58 -6.16 -6.45
N LYS A 251 -17.97 -7.15 -5.78
CA LYS A 251 -16.57 -7.47 -6.05
C LYS A 251 -16.42 -8.62 -7.06
N SER A 252 -17.26 -9.64 -7.01
CA SER A 252 -17.00 -10.85 -7.81
C SER A 252 -17.23 -10.61 -9.31
N ILE A 253 -18.22 -9.82 -9.68
CA ILE A 253 -18.45 -9.51 -11.10
C ILE A 253 -17.27 -8.72 -11.67
N PRO A 254 -16.87 -7.57 -11.13
CA PRO A 254 -15.69 -6.90 -11.72
C PRO A 254 -14.41 -7.70 -11.55
N THR A 255 -14.23 -8.42 -10.44
CA THR A 255 -13.05 -9.28 -10.33
C THR A 255 -13.04 -10.31 -11.47
N LYS A 256 -14.17 -10.97 -11.70
CA LYS A 256 -14.26 -11.97 -12.75
C LYS A 256 -13.88 -11.38 -14.10
N ILE A 257 -14.42 -10.19 -14.42
CA ILE A 257 -14.06 -9.51 -15.65
C ILE A 257 -12.56 -9.21 -15.70
N MET A 258 -12.01 -8.67 -14.61
CA MET A 258 -10.60 -8.33 -14.67
C MET A 258 -9.73 -9.58 -14.72
N GLU A 259 -10.15 -10.67 -14.08
CA GLU A 259 -9.42 -11.92 -14.21
C GLU A 259 -9.50 -12.48 -15.62
N SER A 260 -10.65 -12.34 -16.29
CA SER A 260 -10.76 -12.83 -17.66
C SER A 260 -10.02 -11.94 -18.66
N GLU A 261 -9.77 -10.67 -18.33
CA GLU A 261 -8.92 -9.85 -19.17
C GLU A 261 -7.45 -10.00 -18.80
N GLY A 262 -7.14 -10.80 -17.79
CA GLY A 262 -5.75 -11.07 -17.45
C GLY A 262 -5.08 -9.99 -16.63
N ILE A 263 -5.83 -9.29 -15.78
CA ILE A 263 -5.33 -8.14 -15.06
C ILE A 263 -5.00 -8.49 -13.60
N ILE A 264 -5.83 -9.28 -12.93
CA ILE A 264 -5.58 -9.70 -11.56
C ILE A 264 -5.78 -11.20 -11.50
N GLY A 265 -5.19 -11.82 -10.47
CA GLY A 265 -5.35 -13.25 -10.25
C GLY A 265 -4.27 -14.11 -10.90
N GLY B 20 12.98 3.03 24.70
CA GLY B 20 13.62 2.11 23.79
C GLY B 20 14.17 1.01 24.67
N SER B 21 13.61 -0.19 24.53
CA SER B 21 14.06 -1.34 25.30
C SER B 21 14.07 -2.56 24.39
N ILE B 22 14.86 -3.53 24.77
CA ILE B 22 14.88 -4.81 24.08
C ILE B 22 15.02 -5.86 25.15
N THR B 23 14.32 -6.99 24.98
N THR B 23 14.32 -6.98 24.99
CA THR B 23 14.45 -8.12 25.88
CA THR B 23 14.46 -8.11 25.88
C THR B 23 14.67 -9.38 25.06
C THR B 23 14.64 -9.39 25.07
N GLU B 24 15.31 -10.37 25.69
CA GLU B 24 15.54 -11.64 25.05
C GLU B 24 14.38 -12.56 25.34
N ASN B 25 13.90 -13.24 24.30
CA ASN B 25 12.75 -14.11 24.37
C ASN B 25 13.20 -15.47 23.80
N THR B 26 13.87 -16.28 24.63
CA THR B 26 14.45 -17.53 24.16
C THR B 26 13.38 -18.54 23.80
N SER B 27 12.13 -18.24 24.16
CA SER B 27 10.99 -19.07 23.74
C SER B 27 11.00 -19.31 22.24
N TRP B 28 10.84 -18.25 21.46
CA TRP B 28 10.75 -18.30 20.00
C TRP B 28 11.68 -19.30 19.36
N ASN B 29 12.73 -19.70 20.08
CA ASN B 29 13.77 -20.55 19.51
C ASN B 29 13.20 -21.83 18.92
N LYS B 30 11.97 -22.21 19.31
CA LYS B 30 11.36 -23.43 18.79
C LYS B 30 11.20 -23.40 17.27
N GLU B 31 10.76 -22.27 16.73
CA GLU B 31 10.58 -22.13 15.29
C GLU B 31 11.91 -22.12 14.55
N PHE B 32 13.03 -21.86 15.25
CA PHE B 32 14.33 -21.96 14.63
C PHE B 32 14.82 -23.39 14.63
N SER B 33 14.77 -24.01 15.83
CA SER B 33 15.20 -25.39 16.06
C SER B 33 14.44 -26.38 15.20
N ALA B 34 13.14 -26.13 14.99
CA ALA B 34 12.32 -27.01 14.17
C ALA B 34 12.93 -27.23 12.80
N GLU B 35 13.55 -26.19 12.23
CA GLU B 35 14.08 -26.22 10.87
C GLU B 35 15.60 -26.17 10.84
N ALA B 36 16.26 -26.41 11.97
CA ALA B 36 17.71 -26.45 12.05
C ALA B 36 18.33 -25.19 11.45
N VAL B 37 17.81 -24.04 11.86
CA VAL B 37 18.19 -22.73 11.33
C VAL B 37 18.89 -21.94 12.44
N ASN B 38 20.00 -21.31 12.10
CA ASN B 38 20.66 -20.35 12.97
C ASN B 38 20.35 -18.94 12.47
N GLY B 39 19.62 -18.18 13.26
CA GLY B 39 19.28 -16.84 12.87
C GLY B 39 18.61 -16.12 14.01
N VAL B 40 17.99 -15.01 13.67
CA VAL B 40 17.50 -14.10 14.69
C VAL B 40 16.28 -13.40 14.15
N PHE B 41 15.34 -13.12 15.06
CA PHE B 41 14.15 -12.34 14.81
C PHE B 41 14.10 -11.24 15.85
N VAL B 42 13.84 -10.04 15.38
CA VAL B 42 13.68 -8.88 16.23
C VAL B 42 12.32 -8.31 15.89
N LEU B 43 11.51 -8.06 16.92
CA LEU B 43 10.13 -7.61 16.77
C LEU B 43 9.91 -6.52 17.79
N CYS B 44 9.45 -5.37 17.34
CA CYS B 44 9.34 -4.23 18.21
C CYS B 44 7.93 -3.70 18.11
N LYS B 45 7.33 -3.39 19.24
CA LYS B 45 6.01 -2.75 19.28
C LYS B 45 6.21 -1.24 19.45
N SER B 46 5.72 -0.48 18.49
CA SER B 46 5.97 0.95 18.48
C SER B 46 5.35 1.63 19.69
N SER B 47 4.16 1.19 20.11
CA SER B 47 3.47 1.97 21.13
C SER B 47 4.14 1.85 22.50
N SER B 48 4.73 0.71 22.81
CA SER B 48 5.48 0.52 24.04
C SER B 48 6.97 0.76 23.88
N LYS B 49 7.41 1.07 22.65
CA LYS B 49 8.81 1.22 22.30
C LYS B 49 9.66 0.12 22.93
N SER B 50 9.23 -1.10 22.70
CA SER B 50 9.83 -2.28 23.34
C SER B 50 10.04 -3.35 22.28
N CYS B 51 11.21 -3.96 22.28
CA CYS B 51 11.54 -4.98 21.29
C CYS B 51 11.83 -6.29 22.00
N ALA B 52 11.63 -7.39 21.29
CA ALA B 52 11.92 -8.74 21.72
C ALA B 52 12.72 -9.47 20.65
N THR B 53 13.68 -10.30 21.06
CA THR B 53 14.47 -11.07 20.12
C THR B 53 14.80 -12.41 20.75
N ASN B 54 14.97 -13.44 19.90
CA ASN B 54 15.39 -14.73 20.44
C ASN B 54 16.84 -14.74 20.84
N ASP B 55 17.64 -13.78 20.34
CA ASP B 55 19.10 -13.83 20.47
C ASP B 55 19.66 -12.40 20.47
N LEU B 56 19.98 -11.89 21.66
CA LEU B 56 20.36 -10.48 21.75
C LEU B 56 21.66 -10.23 21.00
N ALA B 57 22.57 -11.20 21.09
CA ALA B 57 23.87 -11.04 20.45
C ALA B 57 23.70 -11.02 18.94
N ARG B 58 23.01 -12.01 18.39
CA ARG B 58 22.89 -12.04 16.94
C ARG B 58 22.09 -10.85 16.43
N ALA B 59 21.15 -10.33 17.24
CA ALA B 59 20.34 -9.19 16.79
C ALA B 59 21.20 -7.96 16.53
N SER B 60 22.33 -7.83 17.24
CA SER B 60 23.28 -6.74 17.09
C SER B 60 24.41 -7.07 16.13
N LYS B 61 24.50 -8.32 15.67
CA LYS B 61 25.55 -8.71 14.74
C LYS B 61 25.22 -8.16 13.35
N GLU B 62 26.24 -7.74 12.63
CA GLU B 62 26.05 -7.00 11.39
C GLU B 62 26.36 -7.91 10.21
N TYR B 63 25.46 -7.91 9.22
CA TYR B 63 25.62 -8.71 8.02
C TYR B 63 25.48 -7.83 6.79
N LEU B 64 26.04 -8.29 5.68
CA LEU B 64 25.79 -7.63 4.41
C LEU B 64 24.28 -7.45 4.25
N PRO B 65 23.82 -6.29 3.81
CA PRO B 65 22.37 -6.10 3.66
C PRO B 65 21.77 -6.83 2.46
N ALA B 66 22.58 -7.15 1.46
CA ALA B 66 22.07 -7.80 0.25
C ALA B 66 20.93 -6.93 -0.28
N SER B 67 19.82 -7.51 -0.73
CA SER B 67 18.79 -6.76 -1.45
C SER B 67 17.96 -5.88 -0.51
N THR B 68 18.08 -6.05 0.80
CA THR B 68 17.44 -5.07 1.67
C THR B 68 18.03 -3.67 1.49
N PHE B 69 19.20 -3.55 0.86
CA PHE B 69 19.79 -2.23 0.64
C PHE B 69 19.00 -1.44 -0.38
N ILE B 71 16.07 -0.60 -0.17
CA ILE B 71 15.31 0.41 0.52
C ILE B 71 16.09 1.78 0.61
N PRO B 72 17.23 1.85 1.32
CA PRO B 72 17.95 3.14 1.31
C PRO B 72 18.34 3.57 -0.10
N ASN B 73 18.75 2.64 -0.94
CA ASN B 73 19.18 3.00 -2.30
C ASN B 73 18.07 3.70 -3.06
N ALA B 74 16.83 3.20 -2.94
CA ALA B 74 15.69 3.82 -3.60
C ALA B 74 15.44 5.21 -3.05
N ILE B 75 15.50 5.36 -1.72
CA ILE B 75 15.30 6.66 -1.12
C ILE B 75 16.38 7.63 -1.61
N ILE B 76 17.63 7.17 -1.64
CA ILE B 76 18.74 8.05 -2.02
C ILE B 76 18.60 8.44 -3.49
N GLY B 77 18.22 7.48 -4.34
CA GLY B 77 17.99 7.78 -5.74
C GLY B 77 16.90 8.82 -5.95
N LEU B 78 15.82 8.76 -5.18
CA LEU B 78 14.80 9.79 -5.26
C LEU B 78 15.33 11.13 -4.79
N GLU B 79 16.00 11.15 -3.62
CA GLU B 79 16.49 12.42 -3.07
C GLU B 79 17.48 13.10 -4.01
N THR B 80 18.31 12.31 -4.70
CA THR B 80 19.32 12.89 -5.59
C THR B 80 18.78 13.24 -6.96
N GLY B 81 17.51 12.93 -7.24
CA GLY B 81 16.95 13.10 -8.56
C GLY B 81 17.23 11.98 -9.55
N VAL B 82 18.10 11.02 -9.19
CA VAL B 82 18.46 9.96 -10.13
C VAL B 82 17.22 9.19 -10.51
N ILE B 83 16.36 8.91 -9.55
CA ILE B 83 15.01 8.43 -9.80
C ILE B 83 14.11 9.65 -9.89
N LYS B 84 13.40 9.81 -11.00
CA LYS B 84 12.69 11.06 -11.25
C LYS B 84 11.48 11.18 -10.32
N ASN B 85 10.70 10.11 -10.19
CA ASN B 85 9.50 10.16 -9.37
C ASN B 85 8.94 8.74 -9.21
N GLU B 86 7.74 8.68 -8.62
N GLU B 86 7.75 8.66 -8.60
CA GLU B 86 7.04 7.43 -8.31
CA GLU B 86 7.16 7.35 -8.34
C GLU B 86 6.65 6.67 -9.57
C GLU B 86 6.83 6.61 -9.63
N HIS B 87 6.55 7.32 -10.71
CA HIS B 87 6.07 6.69 -11.94
C HIS B 87 7.21 6.35 -12.90
N GLN B 88 8.47 6.46 -12.47
CA GLN B 88 9.57 6.26 -13.40
C GLN B 88 9.65 4.79 -13.80
N VAL B 89 9.80 4.54 -15.10
CA VAL B 89 9.98 3.20 -15.62
C VAL B 89 11.45 3.02 -15.97
N PHE B 90 12.10 2.09 -15.32
CA PHE B 90 13.45 1.66 -15.68
C PHE B 90 13.31 0.74 -16.88
N LYS B 91 13.76 1.23 -18.04
CA LYS B 91 13.60 0.49 -19.28
C LYS B 91 14.66 -0.61 -19.39
N TRP B 92 14.20 -1.82 -19.71
CA TRP B 92 15.04 -2.98 -19.96
C TRP B 92 15.69 -2.84 -21.33
N ASP B 93 17.03 -2.83 -21.36
CA ASP B 93 17.78 -2.56 -22.58
C ASP B 93 18.05 -3.81 -23.41
N GLY B 94 17.39 -4.93 -23.11
CA GLY B 94 17.50 -6.12 -23.94
C GLY B 94 18.65 -7.05 -23.61
N LYS B 95 19.74 -6.51 -23.06
CA LYS B 95 20.93 -7.31 -22.83
C LYS B 95 20.71 -8.28 -21.66
N PRO B 96 21.24 -9.49 -21.76
CA PRO B 96 21.05 -10.49 -20.69
C PRO B 96 21.22 -9.99 -19.26
N ARG B 97 20.31 -10.39 -18.38
CA ARG B 97 20.41 -10.15 -16.94
C ARG B 97 20.44 -11.50 -16.22
N ALA B 98 21.00 -11.50 -15.02
CA ALA B 98 21.26 -12.78 -14.35
C ALA B 98 19.98 -13.50 -13.94
N MET B 99 18.82 -12.85 -14.06
CA MET B 99 17.55 -13.49 -13.74
C MET B 99 16.54 -13.12 -14.82
N LYS B 100 15.75 -14.10 -15.29
CA LYS B 100 14.76 -13.77 -16.30
C LYS B 100 13.71 -12.81 -15.72
N GLN B 101 13.35 -13.00 -14.43
CA GLN B 101 12.46 -12.06 -13.76
C GLN B 101 12.89 -10.61 -14.02
N TRP B 102 14.19 -10.35 -14.11
CA TRP B 102 14.71 -9.01 -14.28
C TRP B 102 14.64 -8.52 -15.72
N GLU B 103 14.24 -9.37 -16.65
CA GLU B 103 14.37 -9.04 -18.08
C GLU B 103 13.04 -8.47 -18.60
N ARG B 104 12.75 -7.25 -18.14
CA ARG B 104 11.48 -6.59 -18.38
C ARG B 104 11.66 -5.11 -18.06
N ASP B 105 10.69 -4.31 -18.50
CA ASP B 105 10.53 -2.96 -17.95
C ASP B 105 10.00 -3.11 -16.53
N LEU B 106 10.32 -2.15 -15.66
CA LEU B 106 9.98 -2.30 -14.25
C LEU B 106 9.63 -0.94 -13.67
N THR B 107 8.56 -0.91 -12.88
CA THR B 107 8.29 0.24 -12.03
C THR B 107 9.26 0.22 -10.85
N LEU B 108 9.21 1.25 -10.02
CA LEU B 108 10.03 1.21 -8.81
C LEU B 108 9.61 0.02 -7.94
N ARG B 109 8.30 -0.12 -7.70
CA ARG B 109 7.85 -1.28 -6.92
C ARG B 109 8.24 -2.57 -7.63
N GLY B 110 8.06 -2.62 -8.95
CA GLY B 110 8.40 -3.84 -9.68
C GLY B 110 9.84 -4.25 -9.49
N ALA B 111 10.76 -3.28 -9.57
CA ALA B 111 12.18 -3.58 -9.45
C ALA B 111 12.54 -3.96 -8.01
N ILE B 112 11.80 -3.42 -7.03
CA ILE B 112 11.99 -3.82 -5.64
C ILE B 112 11.41 -5.20 -5.38
N GLN B 113 10.16 -5.42 -5.80
CA GLN B 113 9.51 -6.71 -5.53
C GLN B 113 10.34 -7.85 -6.10
N VAL B 114 10.88 -7.67 -7.31
CA VAL B 114 11.66 -8.69 -7.98
C VAL B 114 13.14 -8.64 -7.63
N SER B 115 13.56 -7.67 -6.81
CA SER B 115 14.97 -7.45 -6.49
C SER B 115 15.85 -7.41 -7.75
N ALA B 116 15.51 -6.48 -8.63
CA ALA B 116 16.29 -6.26 -9.85
C ALA B 116 17.61 -5.54 -9.58
N VAL B 117 18.63 -6.31 -9.23
CA VAL B 117 19.93 -5.77 -8.83
C VAL B 117 20.51 -4.77 -9.84
N PRO B 118 20.44 -5.04 -11.15
CA PRO B 118 21.13 -4.15 -12.11
C PRO B 118 20.49 -2.77 -12.19
N VAL B 119 19.18 -2.71 -12.01
CA VAL B 119 18.49 -1.42 -11.86
C VAL B 119 19.14 -0.62 -10.73
N PHE B 120 19.34 -1.26 -9.58
CA PHE B 120 19.87 -0.54 -8.44
C PHE B 120 21.37 -0.35 -8.51
N GLN B 121 22.09 -1.21 -9.24
CA GLN B 121 23.50 -0.95 -9.47
C GLN B 121 23.69 0.34 -10.27
N GLN B 122 22.86 0.55 -11.30
CA GLN B 122 22.98 1.76 -12.08
C GLN B 122 22.60 2.97 -11.23
N ILE B 123 21.59 2.82 -10.37
CA ILE B 123 21.19 3.92 -9.50
C ILE B 123 22.35 4.30 -8.59
N ALA B 124 22.97 3.31 -7.94
CA ALA B 124 24.11 3.63 -7.09
C ALA B 124 25.22 4.30 -7.89
N ARG B 125 25.43 3.86 -9.13
CA ARG B 125 26.44 4.46 -9.97
C ARG B 125 26.19 5.94 -10.16
N GLU B 126 24.94 6.31 -10.42
CA GLU B 126 24.61 7.71 -10.67
C GLU B 126 24.56 8.49 -9.38
N VAL B 127 24.15 7.86 -8.29
CA VAL B 127 24.28 8.51 -7.00
C VAL B 127 25.73 8.89 -6.73
N GLY B 128 26.65 7.99 -7.01
CA GLY B 128 28.05 8.28 -6.78
C GLY B 128 28.46 8.02 -5.35
N GLU B 129 29.77 7.89 -5.16
CA GLU B 129 30.30 7.54 -3.86
C GLU B 129 30.03 8.62 -2.82
N VAL B 130 30.15 9.90 -3.22
CA VAL B 130 30.14 10.99 -2.25
C VAL B 130 28.75 11.18 -1.67
N ARG B 131 27.73 11.23 -2.52
CA ARG B 131 26.37 11.35 -1.99
C ARG B 131 25.95 10.07 -1.29
N MET B 132 26.37 8.91 -1.81
CA MET B 132 25.98 7.64 -1.17
C MET B 132 26.51 7.55 0.26
N GLN B 133 27.75 8.01 0.49
CA GLN B 133 28.29 8.02 1.83
C GLN B 133 27.57 9.06 2.68
N LYS B 134 27.32 10.25 2.13
CA LYS B 134 26.61 11.28 2.89
C LYS B 134 25.27 10.74 3.41
N TYR B 135 24.52 10.01 2.59
CA TYR B 135 23.19 9.57 3.01
C TYR B 135 23.24 8.39 4.00
N LEU B 136 24.17 7.45 3.83
CA LEU B 136 24.25 6.36 4.80
C LEU B 136 24.69 6.87 6.17
N LYS B 137 25.46 7.96 6.22
CA LYS B 137 25.73 8.56 7.51
C LYS B 137 24.49 9.26 8.07
N LYS B 138 23.74 9.96 7.24
CA LYS B 138 22.58 10.65 7.78
C LYS B 138 21.56 9.62 8.26
N PHE B 139 21.43 8.51 7.52
CA PHE B 139 20.52 7.41 7.87
C PHE B 139 21.04 6.52 8.98
N SER B 140 22.28 6.71 9.44
CA SER B 140 22.91 5.79 10.40
C SER B 140 22.74 4.33 9.97
N TYR B 141 23.12 4.05 8.74
CA TYR B 141 22.86 2.77 8.11
C TYR B 141 24.08 1.86 8.32
N GLY B 142 23.96 0.97 9.29
CA GLY B 142 24.96 -0.07 9.46
C GLY B 142 26.29 0.50 9.85
N ASN B 143 27.35 -0.16 9.39
CA ASN B 143 28.69 0.35 9.60
C ASN B 143 29.05 1.47 8.63
N GLN B 144 28.16 1.80 7.70
CA GLN B 144 28.38 2.92 6.77
C GLN B 144 29.66 2.75 5.93
N ASN B 145 30.06 1.49 5.72
CA ASN B 145 31.23 1.16 4.92
C ASN B 145 30.79 0.82 3.49
N ILE B 146 31.03 1.73 2.54
CA ILE B 146 30.65 1.46 1.14
C ILE B 146 31.86 1.06 0.28
N SER B 147 33.01 0.85 0.90
CA SER B 147 34.15 0.27 0.20
C SER B 147 33.72 -1.02 -0.52
N GLY B 148 34.36 -1.24 -1.67
CA GLY B 148 34.13 -2.47 -2.41
C GLY B 148 33.56 -2.31 -3.80
N GLY B 149 33.50 -1.07 -4.27
CA GLY B 149 32.91 -0.77 -5.57
C GLY B 149 31.52 -0.21 -5.42
N ILE B 150 31.23 0.93 -6.08
CA ILE B 150 29.98 1.68 -5.88
C ILE B 150 28.74 0.84 -6.22
N ASP B 151 28.89 -0.17 -7.07
CA ASP B 151 27.74 -0.98 -7.45
C ASP B 151 27.80 -2.39 -6.85
N LYS B 152 28.59 -2.58 -5.79
CA LYS B 152 28.70 -3.90 -5.15
C LYS B 152 28.87 -3.87 -3.65
N PHE B 153 29.04 -2.71 -3.02
CA PHE B 153 29.47 -2.70 -1.63
C PHE B 153 28.46 -3.39 -0.72
N TRP B 154 27.16 -3.34 -1.06
CA TRP B 154 26.13 -3.99 -0.25
C TRP B 154 25.93 -5.46 -0.59
N LEU B 155 26.53 -5.92 -1.69
CA LEU B 155 26.47 -7.29 -2.16
C LEU B 155 27.70 -8.09 -1.76
N GLU B 156 28.89 -7.58 -2.06
CA GLU B 156 30.12 -8.30 -1.76
C GLU B 156 31.16 -7.47 -1.04
N GLY B 157 30.97 -6.17 -0.91
CA GLY B 157 31.92 -5.30 -0.24
C GLY B 157 31.72 -5.30 1.25
N GLN B 158 31.99 -4.15 1.86
CA GLN B 158 32.21 -4.09 3.30
C GLN B 158 31.03 -3.59 4.10
N LEU B 159 29.91 -3.26 3.47
CA LEU B 159 28.78 -2.74 4.21
C LEU B 159 28.14 -3.83 5.05
N ARG B 160 27.79 -3.49 6.29
CA ARG B 160 27.21 -4.44 7.23
C ARG B 160 26.19 -3.70 8.08
N ILE B 161 25.08 -4.36 8.41
CA ILE B 161 24.05 -3.75 9.23
C ILE B 161 23.42 -4.84 10.08
N SER B 162 23.03 -4.50 11.32
CA SER B 162 22.37 -5.37 12.29
C SER B 162 20.86 -5.44 12.03
N ALA B 163 20.24 -6.48 12.61
CA ALA B 163 18.79 -6.55 12.69
C ALA B 163 18.23 -5.37 13.48
N VAL B 164 18.88 -5.01 14.58
CA VAL B 164 18.40 -3.89 15.38
C VAL B 164 18.48 -2.58 14.59
N ASN B 165 19.60 -2.37 13.90
CA ASN B 165 19.76 -1.19 13.06
C ASN B 165 18.71 -1.13 11.96
N GLN B 166 18.40 -2.27 11.35
CA GLN B 166 17.31 -2.32 10.37
C GLN B 166 16.00 -1.79 10.96
N VAL B 167 15.59 -2.33 12.12
N VAL B 167 15.62 -2.28 12.15
CA VAL B 167 14.35 -1.89 12.74
CA VAL B 167 14.32 -1.87 12.68
C VAL B 167 14.38 -0.38 12.96
C VAL B 167 14.32 -0.40 13.08
N GLU B 168 15.48 0.12 13.54
CA GLU B 168 15.59 1.55 13.81
C GLU B 168 15.43 2.33 12.53
N PHE B 169 16.08 1.86 11.46
CA PHE B 169 16.01 2.53 10.16
C PHE B 169 14.58 2.51 9.63
N LEU B 170 13.92 1.35 9.74
CA LEU B 170 12.56 1.23 9.23
C LEU B 170 11.59 2.06 10.05
N GLU B 171 11.78 2.10 11.37
CA GLU B 171 10.93 2.95 12.18
C GLU B 171 11.04 4.41 11.75
N SER B 172 12.28 4.88 11.47
CA SER B 172 12.48 6.23 10.98
C SER B 172 11.72 6.47 9.68
N LEU B 173 11.88 5.56 8.73
CA LEU B 173 11.19 5.70 7.44
C LEU B 173 9.69 5.81 7.63
N TYR B 174 9.12 4.87 8.39
CA TYR B 174 7.71 4.87 8.73
C TYR B 174 7.25 6.21 9.27
N LEU B 175 8.04 6.84 10.13
CA LEU B 175 7.68 8.13 10.70
C LEU B 175 8.11 9.30 9.82
N ASN B 176 8.65 9.03 8.63
CA ASN B 176 9.13 10.08 7.74
C ASN B 176 10.25 10.89 8.37
N LYS B 177 11.02 10.30 9.27
CA LYS B 177 12.04 11.06 9.96
C LYS B 177 13.44 10.89 9.38
N LEU B 178 13.60 10.11 8.32
CA LEU B 178 14.89 10.10 7.65
C LEU B 178 15.16 11.46 7.01
N SER B 179 16.44 11.76 6.78
CA SER B 179 16.84 13.03 6.15
C SER B 179 16.55 12.96 4.65
N ALA B 180 15.27 12.85 4.30
CA ALA B 180 14.82 12.82 2.91
C ALA B 180 13.45 13.47 2.92
N SER B 181 13.01 13.94 1.77
CA SER B 181 11.67 14.52 1.70
C SER B 181 10.62 13.49 2.13
N LYS B 182 9.54 13.99 2.73
CA LYS B 182 8.46 13.10 3.13
C LYS B 182 7.85 12.43 1.90
N GLU B 183 7.68 13.19 0.82
CA GLU B 183 7.22 12.61 -0.44
C GLU B 183 8.05 11.40 -0.85
N ASN B 184 9.37 11.51 -0.80
CA ASN B 184 10.18 10.38 -1.24
C ASN B 184 10.11 9.22 -0.24
N GLN B 185 9.91 9.50 1.05
CA GLN B 185 9.73 8.40 1.98
C GLN B 185 8.39 7.71 1.73
N LEU B 186 7.33 8.48 1.50
CA LEU B 186 6.05 7.89 1.13
C LEU B 186 6.13 7.06 -0.14
N ILE B 187 6.84 7.55 -1.15
CA ILE B 187 6.99 6.77 -2.40
C ILE B 187 7.58 5.39 -2.09
N VAL B 188 8.67 5.34 -1.31
CA VAL B 188 9.33 4.06 -1.09
C VAL B 188 8.49 3.17 -0.18
N LYS B 189 7.78 3.75 0.77
CA LYS B 189 6.92 2.96 1.61
C LYS B 189 5.85 2.24 0.80
N GLU B 190 5.19 2.93 -0.14
CA GLU B 190 4.13 2.21 -0.84
C GLU B 190 4.72 1.11 -1.71
N ALA B 191 5.87 1.36 -2.33
CA ALA B 191 6.57 0.33 -3.10
C ALA B 191 6.93 -0.88 -2.25
N LEU B 192 7.05 -0.72 -0.95
CA LEU B 192 7.37 -1.84 -0.09
C LEU B 192 6.14 -2.60 0.43
N VAL B 193 4.91 -2.21 0.07
CA VAL B 193 3.76 -2.97 0.51
C VAL B 193 3.84 -4.37 -0.09
N THR B 194 3.76 -5.38 0.77
CA THR B 194 3.78 -6.75 0.28
C THR B 194 2.53 -7.54 0.58
N GLU B 195 1.74 -7.16 1.58
CA GLU B 195 0.52 -7.88 1.89
C GLU B 195 -0.46 -6.85 2.43
N ALA B 196 -1.70 -6.92 1.99
CA ALA B 196 -2.67 -5.93 2.39
C ALA B 196 -3.93 -6.67 2.80
N ALA B 197 -4.41 -6.37 3.99
CA ALA B 197 -5.67 -6.90 4.48
C ALA B 197 -6.46 -5.73 5.08
N PRO B 198 -7.75 -5.91 5.33
CA PRO B 198 -8.52 -4.80 5.91
C PRO B 198 -7.96 -4.35 7.27
N GLU B 199 -7.52 -5.31 8.08
CA GLU B 199 -7.05 -5.04 9.43
C GLU B 199 -5.57 -4.69 9.53
N TYR B 200 -4.78 -4.99 8.51
CA TYR B 200 -3.34 -4.77 8.63
C TYR B 200 -2.72 -4.65 7.25
N LEU B 201 -1.60 -3.95 7.23
CA LEU B 201 -0.78 -3.80 6.05
C LEU B 201 0.61 -4.27 6.42
N VAL B 202 1.28 -4.95 5.49
CA VAL B 202 2.65 -5.36 5.66
C VAL B 202 3.51 -4.64 4.62
N HIS B 203 4.57 -3.97 5.09
CA HIS B 203 5.63 -3.49 4.23
C HIS B 203 6.88 -4.29 4.59
N SER B 204 7.63 -4.73 3.57
CA SER B 204 8.72 -5.67 3.80
C SER B 204 9.64 -5.74 2.59
N LYS B 205 10.81 -6.35 2.82
CA LYS B 205 11.84 -6.52 1.81
C LYS B 205 12.62 -7.77 2.16
N THR B 206 12.85 -8.62 1.16
CA THR B 206 13.68 -9.80 1.35
C THR B 206 15.14 -9.52 0.96
N GLY B 207 16.03 -10.36 1.45
CA GLY B 207 17.42 -10.31 1.06
C GLY B 207 18.03 -11.70 1.08
N PHE B 208 19.07 -11.87 0.26
CA PHE B 208 19.76 -13.15 0.16
C PHE B 208 21.09 -12.89 -0.54
N SER B 209 22.19 -13.06 0.19
CA SER B 209 23.50 -12.73 -0.31
C SER B 209 24.10 -13.81 -1.19
N GLY B 210 23.48 -15.00 -1.21
CA GLY B 210 24.04 -16.20 -1.81
C GLY B 210 24.32 -17.25 -0.75
N VAL B 211 24.85 -18.40 -1.18
CA VAL B 211 25.08 -19.51 -0.25
C VAL B 211 26.44 -19.41 0.45
N GLY B 212 27.25 -18.41 0.12
CA GLY B 212 28.51 -18.25 0.83
C GLY B 212 29.47 -19.38 0.52
N THR B 213 30.48 -19.49 1.38
CA THR B 213 31.57 -20.44 1.20
C THR B 213 31.56 -21.50 2.30
N GLU B 214 32.33 -22.55 2.09
CA GLU B 214 32.38 -23.60 3.09
C GLU B 214 32.80 -22.98 4.39
N SER B 215 32.05 -23.22 5.47
CA SER B 215 32.37 -22.62 6.75
C SER B 215 31.99 -21.16 6.90
N ASN B 216 31.47 -20.51 5.86
CA ASN B 216 31.09 -19.10 5.90
C ASN B 216 29.83 -18.96 5.08
N PRO B 217 28.68 -19.32 5.65
CA PRO B 217 27.43 -19.26 4.89
C PRO B 217 27.06 -17.85 4.48
N GLY B 218 26.15 -17.76 3.53
CA GLY B 218 25.53 -16.51 3.18
C GLY B 218 24.51 -16.14 4.24
N VAL B 219 23.83 -15.02 4.00
CA VAL B 219 22.80 -14.54 4.90
C VAL B 219 21.53 -14.29 4.09
N ALA B 220 20.38 -14.60 4.71
CA ALA B 220 19.07 -14.34 4.14
C ALA B 220 18.35 -13.46 5.13
N TRP B 221 17.57 -12.50 4.59
CA TRP B 221 16.92 -11.46 5.37
C TRP B 221 15.42 -11.39 5.07
N TRP B 222 14.64 -10.97 6.06
CA TRP B 222 13.30 -10.42 5.85
C TRP B 222 13.10 -9.30 6.87
N VAL B 223 12.92 -8.08 6.37
CA VAL B 223 12.76 -6.92 7.23
C VAL B 223 11.46 -6.22 6.82
N GLY B 224 10.89 -5.43 7.74
CA GLY B 224 9.76 -4.58 7.39
C GLY B 224 8.98 -4.17 8.62
N TRP B 225 7.71 -3.84 8.40
CA TRP B 225 6.85 -3.57 9.55
C TRP B 225 5.40 -3.87 9.21
N VAL B 226 4.60 -4.13 10.27
CA VAL B 226 3.19 -4.47 10.15
C VAL B 226 2.37 -3.38 10.82
N GLU B 227 1.43 -2.82 10.08
CA GLU B 227 0.47 -1.86 10.60
C GLU B 227 -0.76 -2.66 10.92
N LYS B 228 -1.09 -2.80 12.21
CA LYS B 228 -2.21 -3.64 12.62
C LYS B 228 -3.10 -2.87 13.58
N GLU B 229 -4.30 -2.52 13.14
CA GLU B 229 -5.17 -1.61 13.91
C GLU B 229 -4.39 -0.32 14.16
N THR B 230 -4.26 0.15 15.40
CA THR B 230 -3.52 1.36 15.76
C THR B 230 -2.09 1.08 16.17
N GLU B 231 -1.65 -0.15 16.09
CA GLU B 231 -0.31 -0.53 16.52
C GLU B 231 0.57 -0.71 15.30
N VAL B 232 1.88 -0.59 15.50
CA VAL B 232 2.84 -0.86 14.45
C VAL B 232 3.94 -1.72 15.01
N TYR B 233 4.31 -2.75 14.26
CA TYR B 233 5.38 -3.69 14.64
C TYR B 233 6.46 -3.65 13.58
N PHE B 234 7.67 -3.32 13.99
CA PHE B 234 8.83 -3.34 13.12
C PHE B 234 9.56 -4.65 13.35
N PHE B 235 10.06 -5.25 12.27
CA PHE B 235 10.64 -6.57 12.42
C PHE B 235 11.84 -6.73 11.52
N ALA B 236 12.78 -7.56 11.96
CA ALA B 236 13.92 -7.86 11.11
C ALA B 236 14.38 -9.27 11.42
N PHE B 237 14.48 -10.07 10.36
CA PHE B 237 14.87 -11.47 10.43
C PHE B 237 16.11 -11.68 9.58
N ASN B 238 17.11 -12.36 10.12
CA ASN B 238 18.22 -12.85 9.31
C ASN B 238 18.55 -14.27 9.78
N MET B 239 19.23 -15.00 8.91
CA MET B 239 19.62 -16.38 9.18
C MET B 239 20.82 -16.72 8.32
N ASP B 240 21.65 -17.63 8.81
CA ASP B 240 22.69 -18.22 7.98
C ASP B 240 22.05 -19.11 6.93
N ILE B 241 22.65 -19.19 5.76
CA ILE B 241 22.07 -20.00 4.70
C ILE B 241 23.19 -20.47 3.80
N ASP B 242 23.25 -21.79 3.58
CA ASP B 242 24.16 -22.40 2.63
C ASP B 242 23.40 -23.25 1.62
N ASN B 243 22.08 -23.15 1.58
CA ASN B 243 21.28 -23.95 0.63
C ASN B 243 20.05 -23.14 0.24
N GLU B 244 19.91 -22.87 -1.06
CA GLU B 244 18.84 -22.00 -1.55
C GLU B 244 17.47 -22.62 -1.31
N SER B 245 17.42 -23.95 -1.20
CA SER B 245 16.26 -24.69 -0.74
C SER B 245 15.59 -24.11 0.49
N LYS B 246 16.36 -23.50 1.36
CA LYS B 246 15.94 -23.03 2.65
C LYS B 246 15.44 -21.61 2.60
N LEU B 247 15.51 -20.97 1.44
CA LEU B 247 15.18 -19.55 1.37
C LEU B 247 13.80 -19.26 1.93
N PRO B 248 12.76 -20.03 1.62
CA PRO B 248 11.42 -19.65 2.12
C PRO B 248 11.36 -19.51 3.61
N LEU B 249 12.27 -20.16 4.35
CA LEU B 249 12.25 -20.05 5.80
C LEU B 249 12.44 -18.62 6.29
N ARG B 250 12.98 -17.71 5.46
CA ARG B 250 13.14 -16.34 5.95
C ARG B 250 11.80 -15.62 6.14
N LYS B 251 10.71 -16.12 5.57
CA LYS B 251 9.37 -15.63 5.88
C LYS B 251 8.59 -16.56 6.79
N SER B 252 8.75 -17.86 6.62
CA SER B 252 7.96 -18.86 7.38
C SER B 252 8.19 -18.74 8.89
N ILE B 253 9.41 -18.49 9.32
CA ILE B 253 9.74 -18.48 10.75
C ILE B 253 9.24 -17.16 11.34
N PRO B 254 9.55 -16.01 10.75
CA PRO B 254 8.99 -14.78 11.31
C PRO B 254 7.48 -14.73 11.22
N THR B 255 6.90 -15.22 10.12
CA THR B 255 5.44 -15.23 10.00
C THR B 255 4.82 -16.10 11.08
N LYS B 256 5.38 -17.29 11.30
CA LYS B 256 4.91 -18.12 12.39
C LYS B 256 5.02 -17.36 13.70
N ILE B 257 6.16 -16.70 13.93
CA ILE B 257 6.34 -15.95 15.17
C ILE B 257 5.26 -14.88 15.28
N MET B 258 5.08 -14.11 14.19
CA MET B 258 4.14 -12.99 14.19
C MET B 258 2.71 -13.47 14.31
N GLU B 259 2.40 -14.67 13.80
CA GLU B 259 1.07 -15.24 14.00
C GLU B 259 0.84 -15.62 15.46
N SER B 260 1.81 -16.33 16.05
CA SER B 260 1.67 -16.72 17.44
C SER B 260 1.62 -15.54 18.39
N GLU B 261 2.04 -14.35 17.93
CA GLU B 261 1.80 -13.12 18.69
C GLU B 261 0.45 -12.47 18.34
N GLY B 262 -0.29 -13.01 17.37
CA GLY B 262 -1.57 -12.46 17.02
C GLY B 262 -1.52 -11.26 16.10
N ILE B 263 -0.40 -11.03 15.43
CA ILE B 263 -0.20 -9.82 14.66
C ILE B 263 -0.76 -9.94 13.25
N ILE B 264 -0.34 -10.96 12.51
CA ILE B 264 -0.84 -11.18 11.16
C ILE B 264 -1.67 -12.45 11.05
N GLY B 265 -1.47 -13.41 11.94
CA GLY B 265 -2.45 -14.45 12.16
C GLY B 265 -3.24 -14.03 13.38
#